data_3GQI
#
_entry.id   3GQI
#
_cell.length_a   133.935
_cell.length_b   64.596
_cell.length_c   94.209
_cell.angle_alpha   90.000
_cell.angle_beta   96.500
_cell.angle_gamma   90.000
#
_symmetry.space_group_name_H-M   'C 1 2 1'
#
loop_
_entity.id
_entity.type
_entity.pdbx_description
1 polymer 'Basic fibroblast growth factor receptor 1'
2 polymer 'Phospholipase C-gamma-1'
3 non-polymer DECAVANADATE
4 non-polymer 'PHOSPHOMETHYLPHOSPHONIC ACID ADENYLATE ESTER'
5 non-polymer 'MAGNESIUM ION'
6 water water
#
loop_
_entity_poly.entity_id
_entity_poly.type
_entity_poly.pdbx_seq_one_letter_code
_entity_poly.pdbx_strand_id
1 'polypeptide(L)'
;MGHHHHHHMAGVSEYELPEDPRWELPRDRLVLGKPLGEGAFGQVVLAEAIGLDKDKPNRVTKVAVKMLKSDATEKDLSDL
ISEMEMMKMIGKHKNIINLLGACTQDGPLYVIVEYASKGNLREYLQARRPPGLEFSFNPSHNPEEQLSSKDLVSCAYQVA
RGMEYLASKKCIHRDLAARNVLVTEDNVMKIADFGLARDIHHID(PTR)(PTR)KKTTNGRLPVKWMAPEALFDRIYTHQ
SDVWSFGVLLWEIFTLGGSPYPGVPVEELFKLLKEGHRMDKPSNCTNELYMMMRDCWHAVPSQRPTFKQLVEDLDRIVAL
TSNQE(PTR)LDLSMPLD
;
A
2 'polypeptide(L)'
;HSSEKWFHGKLGAGRDGRHIAERLLTEYCIETGAPDGSFLVRESETFVGDYTLSFWRNGKVQHCRIHSRQDAGTPKFFLT
DNLVFDSLYDLITHYQQVPLRCNEFEMRLSEPVPQTNAHESKEWYHASLTRAQAEHMLMRVPRDGAFLVRKRNEPNSYAI
SFRAEGKIKHCRVQQEGQTVMLGNSEFDSLVDLISYYEKHPLYRKMKLRYPINEEALEKIGTAEPD
;
B
#
# COMPACT_ATOMS: atom_id res chain seq x y z
N GLU A 16 -11.21 33.11 -4.17
CA GLU A 16 -12.37 32.28 -3.69
C GLU A 16 -13.17 31.70 -4.84
N LEU A 17 -13.08 30.39 -5.04
CA LEU A 17 -13.80 29.68 -6.10
C LEU A 17 -14.70 28.64 -5.45
N PRO A 18 -15.66 28.06 -6.21
CA PRO A 18 -16.57 27.06 -5.68
C PRO A 18 -16.05 26.14 -4.59
N GLU A 19 -16.47 26.38 -3.35
CA GLU A 19 -16.03 25.55 -2.24
C GLU A 19 -16.74 24.22 -2.38
N ASP A 20 -16.25 23.19 -1.70
CA ASP A 20 -16.85 21.85 -1.76
C ASP A 20 -16.93 21.29 -0.37
N PRO A 21 -18.13 21.34 0.25
CA PRO A 21 -18.28 20.82 1.61
C PRO A 21 -17.81 19.38 1.77
N ARG A 22 -17.68 18.69 0.64
CA ARG A 22 -17.22 17.30 0.65
C ARG A 22 -15.72 17.16 0.87
N TRP A 23 -14.93 18.10 0.35
CA TRP A 23 -13.49 18.01 0.48
C TRP A 23 -12.90 19.19 1.24
N GLU A 24 -13.49 20.37 1.08
CA GLU A 24 -13.00 21.56 1.77
C GLU A 24 -12.70 21.29 3.23
N LEU A 25 -11.52 21.70 3.68
CA LEU A 25 -11.09 21.50 5.05
C LEU A 25 -10.59 22.84 5.61
N PRO A 26 -10.96 23.17 6.85
CA PRO A 26 -10.54 24.42 7.49
C PRO A 26 -9.05 24.61 7.34
N ARG A 27 -8.66 25.69 6.68
CA ARG A 27 -7.27 26.05 6.43
C ARG A 27 -6.35 26.02 7.66
N ASP A 28 -6.94 26.13 8.85
CA ASP A 28 -6.17 26.17 10.10
C ASP A 28 -5.95 24.78 10.69
N ARG A 29 -6.58 23.77 10.12
CA ARG A 29 -6.40 22.41 10.59
C ARG A 29 -5.35 21.72 9.72
N LEU A 30 -4.28 22.46 9.41
CA LEU A 30 -3.23 21.92 8.58
C LEU A 30 -1.90 22.59 8.94
N VAL A 31 -0.95 21.80 9.43
CA VAL A 31 0.36 22.34 9.82
C VAL A 31 1.49 21.90 8.88
N LEU A 32 1.89 22.83 8.02
CA LEU A 32 2.92 22.59 7.02
C LEU A 32 4.32 22.22 7.59
N GLY A 33 5.05 21.41 6.82
CA GLY A 33 6.38 20.97 7.21
C GLY A 33 7.40 21.17 6.11
N LYS A 34 8.38 20.27 6.06
CA LYS A 34 9.46 20.34 5.07
C LYS A 34 9.05 19.91 3.66
N PRO A 35 9.80 20.36 2.62
CA PRO A 35 9.53 20.04 1.23
C PRO A 35 9.70 18.55 0.99
N LEU A 36 9.10 18.03 -0.08
CA LEU A 36 9.19 16.61 -0.40
C LEU A 36 9.61 16.46 -1.87
N GLY A 37 9.36 17.50 -2.66
CA GLY A 37 9.72 17.45 -4.07
C GLY A 37 9.21 18.68 -4.79
N GLU A 38 9.92 19.11 -5.82
CA GLU A 38 9.49 20.28 -6.55
C GLU A 38 9.56 20.08 -8.04
N GLY A 39 9.38 21.19 -8.75
CA GLY A 39 9.43 21.17 -10.21
C GLY A 39 9.52 22.60 -10.71
N ALA A 40 9.24 22.80 -11.99
CA ALA A 40 9.28 24.12 -12.59
C ALA A 40 8.38 25.09 -11.82
N PHE A 41 7.08 24.79 -11.78
CA PHE A 41 6.14 25.64 -11.07
C PHE A 41 5.13 24.79 -10.27
N GLY A 42 5.54 24.29 -9.11
CA GLY A 42 4.67 23.47 -8.26
C GLY A 42 5.44 22.81 -7.14
N GLN A 43 4.82 22.60 -5.99
CA GLN A 43 5.53 21.97 -4.88
C GLN A 43 4.69 21.17 -3.91
N VAL A 44 5.28 20.12 -3.37
CA VAL A 44 4.61 19.26 -2.41
C VAL A 44 5.33 19.33 -1.07
N VAL A 45 4.58 19.58 -0.01
CA VAL A 45 5.16 19.65 1.31
C VAL A 45 4.41 18.78 2.31
N LEU A 46 5.18 18.14 3.19
CA LEU A 46 4.63 17.29 4.24
C LEU A 46 3.84 18.19 5.18
N ALA A 47 2.88 17.63 5.91
CA ALA A 47 2.07 18.44 6.83
C ALA A 47 1.28 17.57 7.78
N GLU A 48 0.68 18.21 8.78
CA GLU A 48 -0.14 17.47 9.75
C GLU A 48 -1.58 17.95 9.60
N ALA A 49 -2.52 17.01 9.46
CA ALA A 49 -3.92 17.36 9.33
C ALA A 49 -4.67 16.92 10.58
N ILE A 50 -5.25 17.90 11.27
CA ILE A 50 -5.97 17.61 12.48
C ILE A 50 -7.41 17.32 12.12
N GLY A 51 -7.93 16.21 12.65
CA GLY A 51 -9.31 15.84 12.41
C GLY A 51 -9.78 15.70 10.98
N LEU A 52 -9.03 14.97 10.15
CA LEU A 52 -9.41 14.78 8.75
C LEU A 52 -10.78 14.12 8.75
N ASP A 53 -10.91 13.08 9.57
CA ASP A 53 -12.20 12.37 9.66
C ASP A 53 -13.02 13.12 10.72
N LYS A 54 -14.27 13.43 10.39
CA LYS A 54 -15.14 14.17 11.31
C LYS A 54 -15.40 13.45 12.62
N ASP A 55 -15.26 12.13 12.62
CA ASP A 55 -15.50 11.32 13.82
C ASP A 55 -14.25 11.23 14.69
N LYS A 56 -13.14 11.80 14.18
CA LYS A 56 -11.89 11.80 14.90
C LYS A 56 -11.29 13.21 14.73
N PRO A 57 -11.91 14.21 15.37
CA PRO A 57 -11.51 15.62 15.33
C PRO A 57 -10.14 15.93 15.87
N ASN A 58 -9.60 15.06 16.71
CA ASN A 58 -8.29 15.32 17.29
C ASN A 58 -7.16 14.39 16.83
N ARG A 59 -7.46 13.45 15.94
CA ARG A 59 -6.43 12.53 15.44
C ARG A 59 -5.65 13.22 14.31
N VAL A 60 -4.34 13.31 14.52
CA VAL A 60 -3.43 13.94 13.58
C VAL A 60 -2.99 12.92 12.52
N THR A 61 -3.15 13.30 11.26
CA THR A 61 -2.76 12.42 10.15
C THR A 61 -1.63 13.04 9.35
N LYS A 62 -0.53 12.33 9.17
CA LYS A 62 0.56 12.85 8.35
C LYS A 62 -0.01 12.86 6.94
N VAL A 63 0.18 13.96 6.22
CA VAL A 63 -0.30 14.06 4.85
C VAL A 63 0.63 14.84 3.95
N ALA A 64 0.31 14.87 2.66
CA ALA A 64 1.11 15.64 1.72
C ALA A 64 0.16 16.67 1.12
N VAL A 65 0.68 17.89 0.94
CA VAL A 65 -0.14 18.97 0.41
C VAL A 65 0.53 19.51 -0.84
N LYS A 66 -0.23 19.60 -1.92
CA LYS A 66 0.35 20.11 -3.13
C LYS A 66 -0.13 21.53 -3.33
N MET A 67 0.77 22.39 -3.78
CA MET A 67 0.41 23.79 -3.97
C MET A 67 1.30 24.45 -5.04
N LEU A 68 0.88 25.65 -5.45
CA LEU A 68 1.64 26.43 -6.44
C LEU A 68 2.85 27.09 -5.80
N LYS A 69 3.86 27.38 -6.61
CA LYS A 69 5.05 28.05 -6.10
C LYS A 69 4.80 29.54 -6.00
N SER A 70 5.83 30.30 -5.62
CA SER A 70 5.73 31.75 -5.49
C SER A 70 5.52 32.36 -6.88
N ASP A 71 6.23 31.82 -7.87
CA ASP A 71 6.16 32.36 -9.23
C ASP A 71 5.15 31.67 -10.13
N ALA A 72 4.08 31.18 -9.55
CA ALA A 72 3.02 30.50 -10.31
C ALA A 72 2.17 31.47 -11.12
N THR A 73 1.79 31.05 -12.31
CA THR A 73 0.97 31.88 -13.18
C THR A 73 -0.49 31.55 -13.08
N GLU A 74 -1.32 32.32 -13.77
CA GLU A 74 -2.75 32.11 -13.81
C GLU A 74 -2.96 30.68 -14.34
N LYS A 75 -2.34 30.41 -15.48
CA LYS A 75 -2.42 29.11 -16.13
C LYS A 75 -2.17 27.94 -15.19
N ASP A 76 -1.09 28.01 -14.41
CA ASP A 76 -0.76 26.95 -13.47
C ASP A 76 -1.88 26.69 -12.46
N LEU A 77 -2.56 27.76 -12.03
CA LEU A 77 -3.65 27.63 -11.06
C LEU A 77 -4.78 26.78 -11.63
N SER A 78 -5.10 27.01 -12.89
CA SER A 78 -6.18 26.29 -13.54
C SER A 78 -5.79 24.83 -13.72
N ASP A 79 -4.50 24.58 -13.91
CA ASP A 79 -3.98 23.23 -14.06
C ASP A 79 -4.16 22.49 -12.72
N LEU A 80 -3.90 23.18 -11.62
CA LEU A 80 -4.02 22.59 -10.30
C LEU A 80 -5.51 22.35 -9.94
N ILE A 81 -6.39 23.25 -10.36
CA ILE A 81 -7.83 23.11 -10.13
C ILE A 81 -8.23 21.80 -10.83
N SER A 82 -7.87 21.73 -12.11
CA SER A 82 -8.15 20.58 -12.95
C SER A 82 -7.65 19.30 -12.29
N GLU A 83 -6.39 19.28 -11.90
CA GLU A 83 -5.76 18.14 -11.25
C GLU A 83 -6.59 17.64 -10.08
N MET A 84 -7.09 18.58 -9.28
CA MET A 84 -7.91 18.28 -8.12
C MET A 84 -9.28 17.70 -8.52
N GLU A 85 -9.84 18.22 -9.60
CA GLU A 85 -11.15 17.75 -10.06
C GLU A 85 -11.00 16.35 -10.62
N MET A 86 -9.91 16.12 -11.33
CA MET A 86 -9.64 14.82 -11.93
C MET A 86 -9.58 13.73 -10.86
N MET A 87 -8.89 14.01 -9.76
CA MET A 87 -8.78 13.03 -8.68
C MET A 87 -10.09 12.71 -8.01
N LYS A 88 -11.05 13.64 -8.08
CA LYS A 88 -12.36 13.41 -7.46
C LYS A 88 -13.23 12.57 -8.39
N MET A 89 -13.04 12.77 -9.70
CA MET A 89 -13.80 12.07 -10.72
C MET A 89 -13.30 10.65 -10.94
N ILE A 90 -12.01 10.41 -10.69
CA ILE A 90 -11.40 9.09 -10.88
C ILE A 90 -11.74 8.06 -9.79
N GLY A 91 -11.86 8.51 -8.55
CA GLY A 91 -12.23 7.59 -7.47
C GLY A 91 -11.05 6.87 -6.81
N LYS A 92 -11.33 6.20 -5.71
CA LYS A 92 -10.31 5.50 -4.94
C LYS A 92 -9.83 4.18 -5.53
N HIS A 93 -8.53 3.94 -5.42
CA HIS A 93 -7.96 2.68 -5.89
C HIS A 93 -6.70 2.36 -5.15
N LYS A 94 -6.55 1.08 -4.85
CA LYS A 94 -5.39 0.55 -4.15
C LYS A 94 -4.04 1.10 -4.66
N ASN A 95 -3.96 1.33 -5.97
CA ASN A 95 -2.71 1.78 -6.56
C ASN A 95 -2.73 3.21 -7.10
N ILE A 96 -3.65 4.02 -6.59
CA ILE A 96 -3.72 5.41 -7.00
C ILE A 96 -3.65 6.26 -5.71
N ILE A 97 -2.81 7.27 -5.70
CA ILE A 97 -2.73 8.11 -4.50
C ILE A 97 -4.12 8.70 -4.21
N ASN A 98 -4.61 8.54 -3.00
CA ASN A 98 -5.94 9.05 -2.74
C ASN A 98 -6.00 10.49 -2.23
N LEU A 99 -6.98 11.23 -2.73
CA LEU A 99 -7.22 12.63 -2.37
C LEU A 99 -7.88 12.69 -1.02
N LEU A 100 -7.30 13.47 -0.10
CA LEU A 100 -7.84 13.60 1.26
C LEU A 100 -8.78 14.80 1.46
N GLY A 101 -8.52 15.89 0.75
CA GLY A 101 -9.33 17.07 0.86
C GLY A 101 -8.68 18.27 0.20
N ALA A 102 -9.15 19.48 0.51
CA ALA A 102 -8.56 20.69 -0.07
C ALA A 102 -8.96 21.97 0.67
N CYS A 103 -8.18 23.02 0.43
CA CYS A 103 -8.37 24.37 1.00
C CYS A 103 -8.46 25.26 -0.25
N THR A 104 -9.67 25.67 -0.60
CA THR A 104 -9.90 26.47 -1.79
C THR A 104 -10.32 27.91 -1.53
N GLN A 105 -10.87 28.17 -0.36
CA GLN A 105 -11.38 29.50 -0.03
C GLN A 105 -10.48 30.47 0.69
N ASP A 106 -10.64 31.74 0.36
CA ASP A 106 -9.87 32.83 0.99
C ASP A 106 -8.39 32.53 1.26
N GLY A 107 -7.65 32.24 0.19
CA GLY A 107 -6.24 31.94 0.34
C GLY A 107 -5.72 31.03 -0.75
N PRO A 108 -4.49 30.52 -0.60
CA PRO A 108 -3.92 29.63 -1.62
C PRO A 108 -4.60 28.24 -1.70
N LEU A 109 -4.77 27.74 -2.92
CA LEU A 109 -5.40 26.43 -3.14
C LEU A 109 -4.46 25.34 -2.67
N TYR A 110 -4.95 24.50 -1.75
CA TYR A 110 -4.21 23.37 -1.24
C TYR A 110 -4.93 22.08 -1.56
N VAL A 111 -4.22 21.20 -2.24
CA VAL A 111 -4.74 19.88 -2.61
C VAL A 111 -4.04 18.96 -1.62
N ILE A 112 -4.81 18.38 -0.72
CA ILE A 112 -4.26 17.51 0.32
C ILE A 112 -4.38 16.06 -0.10
N VAL A 113 -3.23 15.38 -0.15
CA VAL A 113 -3.24 13.99 -0.55
C VAL A 113 -2.46 13.11 0.41
N GLU A 114 -2.68 11.82 0.24
CA GLU A 114 -2.03 10.81 1.06
C GLU A 114 -0.51 10.93 0.97
N TYR A 115 0.13 10.70 2.11
CA TYR A 115 1.58 10.76 2.22
C TYR A 115 2.28 9.43 1.94
N ALA A 116 3.18 9.45 0.96
CA ALA A 116 3.94 8.28 0.57
C ALA A 116 5.36 8.38 1.16
N SER A 117 5.53 7.76 2.32
CA SER A 117 6.80 7.79 3.05
C SER A 117 8.06 7.28 2.36
N LYS A 118 7.96 6.69 1.18
CA LYS A 118 9.19 6.24 0.57
C LYS A 118 9.56 6.96 -0.71
N GLY A 119 8.83 8.03 -1.00
CA GLY A 119 9.10 8.83 -2.17
C GLY A 119 8.68 8.28 -3.51
N ASN A 120 9.26 8.83 -4.56
CA ASN A 120 8.90 8.37 -5.90
C ASN A 120 9.71 7.15 -6.24
N LEU A 121 9.14 6.36 -7.15
CA LEU A 121 9.72 5.11 -7.60
C LEU A 121 11.15 5.19 -8.12
N ARG A 122 11.47 6.28 -8.79
CA ARG A 122 12.82 6.43 -9.32
C ARG A 122 13.83 6.39 -8.19
N GLU A 123 13.57 7.20 -7.15
CA GLU A 123 14.43 7.29 -5.98
C GLU A 123 14.43 6.00 -5.19
N TYR A 124 13.26 5.39 -5.08
CA TYR A 124 13.12 4.15 -4.35
C TYR A 124 14.05 3.11 -4.94
N LEU A 125 13.95 2.92 -6.25
CA LEU A 125 14.76 1.92 -6.93
C LEU A 125 16.27 2.17 -6.85
N GLN A 126 16.70 3.41 -7.07
CA GLN A 126 18.13 3.74 -7.03
C GLN A 126 18.79 3.44 -5.69
N ALA A 127 18.04 3.67 -4.61
CA ALA A 127 18.53 3.44 -3.26
C ALA A 127 18.56 1.95 -2.93
N ARG A 128 18.18 1.15 -3.90
CA ARG A 128 18.13 -0.31 -3.73
C ARG A 128 19.11 -0.98 -4.67
N ARG A 129 19.88 -0.20 -5.42
CA ARG A 129 20.89 -0.71 -6.34
C ARG A 129 22.05 -1.39 -5.59
N PRO A 130 22.71 -2.37 -6.22
CA PRO A 130 23.83 -3.10 -5.63
C PRO A 130 25.10 -2.25 -5.53
N PRO A 131 26.11 -2.73 -4.79
CA PRO A 131 27.39 -2.01 -4.59
C PRO A 131 28.29 -2.28 -5.77
N GLY A 132 28.27 -3.55 -6.22
CA GLY A 132 29.09 -3.98 -7.32
C GLY A 132 30.07 -4.99 -6.76
N LEU A 133 30.78 -5.68 -7.65
CA LEU A 133 31.76 -6.66 -7.20
C LEU A 133 32.97 -5.91 -6.69
N GLU A 134 33.63 -6.46 -5.68
CA GLU A 134 34.82 -5.87 -5.08
C GLU A 134 34.48 -4.57 -4.31
N PHE A 135 33.22 -4.14 -4.33
CA PHE A 135 32.77 -2.94 -3.65
C PHE A 135 31.69 -3.25 -2.61
N SER A 136 31.64 -2.43 -1.55
CA SER A 136 30.64 -2.61 -0.51
C SER A 136 30.06 -1.26 -0.10
N PHE A 137 28.85 -1.28 0.46
CA PHE A 137 28.20 -0.04 0.87
C PHE A 137 28.56 0.44 2.27
N ASN A 138 28.53 1.75 2.42
CA ASN A 138 28.79 2.39 3.69
C ASN A 138 27.69 3.43 3.86
N PRO A 139 27.12 3.54 5.06
CA PRO A 139 27.48 2.71 6.21
C PRO A 139 26.80 1.35 6.15
N SER A 140 26.98 0.63 5.04
CA SER A 140 26.38 -0.70 4.80
C SER A 140 24.88 -0.76 5.07
N HIS A 141 24.16 0.18 4.48
CA HIS A 141 22.70 0.30 4.64
C HIS A 141 21.87 -0.98 4.55
N ASN A 142 20.61 -0.86 4.95
CA ASN A 142 19.65 -1.98 4.97
C ASN A 142 19.75 -2.96 3.81
N PRO A 143 20.34 -4.12 4.07
CA PRO A 143 20.51 -5.17 3.06
C PRO A 143 19.21 -5.97 2.91
N GLU A 144 18.22 -5.65 3.76
CA GLU A 144 16.92 -6.31 3.73
C GLU A 144 15.96 -5.69 2.74
N GLU A 145 16.24 -4.46 2.32
CA GLU A 145 15.38 -3.75 1.39
C GLU A 145 15.84 -3.89 -0.04
N GLN A 146 16.95 -4.57 -0.24
CA GLN A 146 17.48 -4.76 -1.59
C GLN A 146 16.43 -5.63 -2.31
N LEU A 147 15.82 -5.05 -3.34
CA LEU A 147 14.75 -5.69 -4.12
C LEU A 147 15.13 -6.89 -4.97
N SER A 148 14.22 -7.84 -5.07
CA SER A 148 14.45 -9.04 -5.86
C SER A 148 13.68 -8.91 -7.18
N SER A 149 13.88 -9.88 -8.05
CA SER A 149 13.23 -9.93 -9.35
C SER A 149 11.72 -10.02 -9.15
N LYS A 150 11.31 -10.70 -8.08
CA LYS A 150 9.90 -10.82 -7.76
C LYS A 150 9.35 -9.42 -7.42
N ASP A 151 10.04 -8.72 -6.55
CA ASP A 151 9.61 -7.38 -6.15
C ASP A 151 9.53 -6.40 -7.30
N LEU A 152 10.39 -6.57 -8.30
CA LEU A 152 10.35 -5.68 -9.43
C LEU A 152 9.09 -5.92 -10.28
N VAL A 153 8.76 -7.18 -10.53
CA VAL A 153 7.58 -7.51 -11.32
C VAL A 153 6.34 -7.01 -10.58
N SER A 154 6.35 -7.19 -9.25
CA SER A 154 5.24 -6.77 -8.41
C SER A 154 4.97 -5.25 -8.59
N CYS A 155 6.05 -4.47 -8.74
CA CYS A 155 5.92 -3.01 -8.92
C CYS A 155 5.32 -2.66 -10.26
N ALA A 156 5.65 -3.46 -11.28
CA ALA A 156 5.15 -3.22 -12.64
C ALA A 156 3.68 -3.60 -12.69
N TYR A 157 3.35 -4.73 -12.04
CA TYR A 157 2.00 -5.27 -11.93
C TYR A 157 1.06 -4.25 -11.27
N GLN A 158 1.48 -3.72 -10.12
CA GLN A 158 0.73 -2.76 -9.33
C GLN A 158 0.41 -1.50 -10.10
N VAL A 159 1.38 -1.06 -10.88
CA VAL A 159 1.16 0.14 -11.67
C VAL A 159 0.21 -0.18 -12.80
N ALA A 160 0.30 -1.40 -13.36
CA ALA A 160 -0.60 -1.84 -14.44
C ALA A 160 -2.02 -1.86 -13.90
N ARG A 161 -2.20 -2.41 -12.69
CA ARG A 161 -3.51 -2.47 -12.05
C ARG A 161 -4.10 -1.08 -11.84
N GLY A 162 -3.24 -0.11 -11.49
CA GLY A 162 -3.75 1.23 -11.28
C GLY A 162 -4.10 1.89 -12.60
N MET A 163 -3.31 1.61 -13.65
CA MET A 163 -3.61 2.21 -14.95
C MET A 163 -4.82 1.60 -15.57
N GLU A 164 -5.02 0.32 -15.28
CA GLU A 164 -6.16 -0.39 -15.80
C GLU A 164 -7.43 0.21 -15.23
N TYR A 165 -7.37 0.55 -13.95
CA TYR A 165 -8.51 1.15 -13.30
C TYR A 165 -8.76 2.53 -13.87
N LEU A 166 -7.68 3.26 -14.11
CA LEU A 166 -7.75 4.62 -14.65
C LEU A 166 -8.35 4.63 -16.05
N ALA A 167 -8.00 3.63 -16.85
CA ALA A 167 -8.51 3.49 -18.22
C ALA A 167 -10.00 3.09 -18.17
N SER A 168 -10.38 2.27 -17.20
CA SER A 168 -11.79 1.89 -17.07
C SER A 168 -12.61 3.14 -16.72
N LYS A 169 -11.96 4.16 -16.17
CA LYS A 169 -12.65 5.41 -15.83
C LYS A 169 -12.58 6.42 -16.98
N LYS A 170 -12.16 5.93 -18.16
CA LYS A 170 -12.03 6.72 -19.37
C LYS A 170 -11.13 7.94 -19.18
N CYS A 171 -9.94 7.69 -18.62
CA CYS A 171 -9.01 8.77 -18.39
C CYS A 171 -7.60 8.47 -18.83
N ILE A 172 -6.91 9.48 -19.35
CA ILE A 172 -5.52 9.26 -19.72
C ILE A 172 -4.68 10.10 -18.74
N HIS A 173 -3.59 9.54 -18.27
CA HIS A 173 -2.70 10.23 -17.33
C HIS A 173 -1.82 11.27 -18.06
N ARG A 174 -1.19 10.82 -19.14
CA ARG A 174 -0.31 11.63 -19.99
C ARG A 174 1.04 11.97 -19.36
N ASP A 175 1.23 11.57 -18.11
CA ASP A 175 2.51 11.83 -17.46
C ASP A 175 2.94 10.66 -16.59
N LEU A 176 2.85 9.46 -17.14
CA LEU A 176 3.26 8.27 -16.43
C LEU A 176 4.77 8.16 -16.59
N ALA A 177 5.45 8.14 -15.46
CA ALA A 177 6.93 8.06 -15.39
C ALA A 177 7.22 7.59 -13.95
N ALA A 178 8.40 7.03 -13.72
CA ALA A 178 8.77 6.59 -12.38
C ALA A 178 8.72 7.75 -11.36
N ARG A 179 9.09 8.97 -11.77
CA ARG A 179 9.03 10.10 -10.84
C ARG A 179 7.60 10.39 -10.41
N ASN A 180 6.62 9.82 -11.12
CA ASN A 180 5.21 10.03 -10.78
C ASN A 180 4.54 8.80 -10.17
N VAL A 181 5.34 7.86 -9.69
CA VAL A 181 4.79 6.69 -9.06
C VAL A 181 5.35 6.77 -7.64
N LEU A 182 4.48 6.90 -6.66
CA LEU A 182 4.94 6.99 -5.28
C LEU A 182 4.92 5.61 -4.58
N VAL A 183 5.81 5.44 -3.61
CA VAL A 183 5.91 4.18 -2.88
C VAL A 183 5.62 4.43 -1.41
N THR A 184 4.66 3.72 -0.85
CA THR A 184 4.29 3.90 0.56
C THR A 184 5.20 3.14 1.50
N GLU A 185 4.89 3.25 2.79
CA GLU A 185 5.61 2.60 3.87
C GLU A 185 5.66 1.08 3.66
N ASP A 186 4.52 0.47 3.32
CA ASP A 186 4.52 -0.97 3.07
C ASP A 186 4.84 -1.36 1.61
N ASN A 187 5.47 -0.44 0.89
CA ASN A 187 5.88 -0.69 -0.50
C ASN A 187 4.81 -0.83 -1.58
N VAL A 188 3.67 -0.17 -1.40
CA VAL A 188 2.57 -0.25 -2.34
C VAL A 188 2.75 0.89 -3.34
N MET A 189 2.64 0.60 -4.64
CA MET A 189 2.82 1.62 -5.68
C MET A 189 1.58 2.49 -5.78
N LYS A 190 1.78 3.81 -5.82
CA LYS A 190 0.65 4.73 -5.93
C LYS A 190 0.89 5.71 -7.07
N ILE A 191 0.09 5.61 -8.14
CA ILE A 191 0.23 6.52 -9.27
C ILE A 191 -0.22 7.91 -8.85
N ALA A 192 0.67 8.89 -9.07
CA ALA A 192 0.41 10.29 -8.72
C ALA A 192 0.58 11.29 -9.85
N ASP A 193 0.43 12.57 -9.50
CA ASP A 193 0.59 13.69 -10.43
C ASP A 193 -0.37 13.68 -11.63
N PHE A 194 -1.63 13.97 -11.37
CA PHE A 194 -2.68 13.98 -12.39
C PHE A 194 -2.91 15.33 -13.07
N GLY A 195 -1.91 16.22 -12.97
CA GLY A 195 -2.00 17.56 -13.56
C GLY A 195 -2.09 17.65 -15.07
N LEU A 196 -1.75 16.56 -15.75
CA LEU A 196 -1.81 16.54 -17.20
C LEU A 196 -2.91 15.56 -17.68
N ALA A 197 -3.56 14.87 -16.73
CA ALA A 197 -4.62 13.91 -17.01
C ALA A 197 -5.83 14.55 -17.67
N ARG A 198 -6.59 13.75 -18.44
CA ARG A 198 -7.76 14.28 -19.14
C ARG A 198 -8.87 13.22 -19.22
N ASP A 199 -10.11 13.71 -19.24
CA ASP A 199 -11.31 12.88 -19.35
C ASP A 199 -11.67 12.75 -20.83
N ILE A 200 -11.89 11.53 -21.27
CA ILE A 200 -12.26 11.29 -22.67
C ILE A 200 -13.43 10.30 -22.76
N HIS A 201 -14.34 10.39 -21.78
CA HIS A 201 -15.53 9.53 -21.66
C HIS A 201 -16.30 9.25 -22.96
N HIS A 202 -16.46 10.28 -23.78
CA HIS A 202 -17.24 10.10 -25.01
C HIS A 202 -16.42 10.21 -26.29
N ILE A 203 -15.39 11.04 -26.27
CA ILE A 203 -14.54 11.25 -27.44
C ILE A 203 -13.50 10.16 -27.73
N ASP A 204 -13.04 9.46 -26.70
CA ASP A 204 -12.03 8.41 -26.89
C ASP A 204 -10.66 8.86 -27.37
N LYS A 207 -6.74 15.77 -28.03
CA LYS A 207 -5.85 16.44 -28.99
C LYS A 207 -5.36 17.75 -28.41
N LYS A 208 -4.07 17.83 -28.09
CA LYS A 208 -3.48 19.04 -27.52
C LYS A 208 -3.59 20.22 -28.52
N THR A 209 -4.36 21.21 -28.13
CA THR A 209 -4.61 22.39 -28.95
C THR A 209 -3.52 23.45 -28.76
N THR A 210 -3.35 23.86 -27.50
CA THR A 210 -2.36 24.85 -27.14
C THR A 210 -0.96 24.22 -27.15
N ASN A 211 0.02 24.93 -26.62
CA ASN A 211 1.39 24.42 -26.59
C ASN A 211 1.89 24.39 -25.14
N GLY A 212 3.16 24.03 -24.96
CA GLY A 212 3.70 23.99 -23.61
C GLY A 212 4.63 22.82 -23.25
N ARG A 213 5.02 22.79 -21.98
CA ARG A 213 5.92 21.77 -21.43
C ARG A 213 5.43 20.35 -21.56
N LEU A 214 6.31 19.45 -21.97
CA LEU A 214 5.95 18.05 -22.17
C LEU A 214 7.08 17.06 -21.91
N PRO A 215 6.79 15.95 -21.20
CA PRO A 215 7.78 14.90 -20.89
C PRO A 215 8.10 14.04 -22.12
N VAL A 216 8.71 14.65 -23.13
CA VAL A 216 9.01 13.97 -24.38
C VAL A 216 9.61 12.56 -24.37
N LYS A 217 10.55 12.28 -23.48
CA LYS A 217 11.15 10.95 -23.46
C LYS A 217 10.19 9.83 -23.09
N TRP A 218 9.01 10.20 -22.60
CA TRP A 218 7.99 9.23 -22.20
C TRP A 218 6.79 9.19 -23.14
N MET A 219 6.77 10.11 -24.10
CA MET A 219 5.67 10.24 -25.05
C MET A 219 5.76 9.42 -26.34
N ALA A 220 4.61 8.90 -26.74
CA ALA A 220 4.50 8.07 -27.93
C ALA A 220 4.54 8.96 -29.16
N PRO A 221 5.09 8.43 -30.26
CA PRO A 221 5.22 9.17 -31.53
C PRO A 221 4.05 10.06 -31.88
N GLU A 222 2.86 9.45 -31.96
CA GLU A 222 1.63 10.18 -32.30
C GLU A 222 1.31 11.32 -31.35
N ALA A 223 1.60 11.16 -30.06
CA ALA A 223 1.35 12.25 -29.13
C ALA A 223 2.45 13.32 -29.34
N LEU A 224 3.62 12.87 -29.81
CA LEU A 224 4.75 13.76 -30.05
C LEU A 224 4.60 14.61 -31.32
N PHE A 225 4.32 13.95 -32.44
CA PHE A 225 4.17 14.62 -33.74
C PHE A 225 2.77 15.09 -34.09
N ASP A 226 1.78 14.24 -33.82
CA ASP A 226 0.39 14.55 -34.18
C ASP A 226 -0.44 15.09 -33.00
N ARG A 227 0.17 15.21 -31.83
CA ARG A 227 -0.50 15.68 -30.62
C ARG A 227 -1.73 14.84 -30.27
N ILE A 228 -1.69 13.55 -30.59
CA ILE A 228 -2.82 12.66 -30.30
C ILE A 228 -2.60 11.76 -29.07
N TYR A 229 -3.46 11.96 -28.06
CA TYR A 229 -3.39 11.20 -26.83
C TYR A 229 -4.56 10.22 -26.59
N THR A 230 -4.21 9.01 -26.13
CA THR A 230 -5.19 7.97 -25.84
C THR A 230 -4.61 7.01 -24.80
N HIS A 231 -5.34 5.92 -24.52
CA HIS A 231 -4.85 4.92 -23.59
C HIS A 231 -3.67 4.25 -24.22
N GLN A 232 -3.67 4.29 -25.54
CA GLN A 232 -2.58 3.71 -26.30
C GLN A 232 -1.26 4.46 -26.06
N SER A 233 -1.30 5.80 -25.95
CA SER A 233 -0.07 6.53 -25.68
C SER A 233 0.34 6.36 -24.23
N ASP A 234 -0.61 6.12 -23.34
CA ASP A 234 -0.26 5.89 -21.95
C ASP A 234 0.51 4.56 -21.87
N VAL A 235 0.03 3.56 -22.62
CA VAL A 235 0.70 2.27 -22.65
C VAL A 235 2.14 2.47 -23.12
N TRP A 236 2.36 3.39 -24.06
CA TRP A 236 3.74 3.62 -24.52
C TRP A 236 4.58 4.08 -23.31
N SER A 237 4.08 5.08 -22.59
CA SER A 237 4.75 5.62 -21.42
C SER A 237 5.04 4.51 -20.42
N PHE A 238 4.10 3.58 -20.34
CA PHE A 238 4.23 2.44 -19.43
C PHE A 238 5.39 1.55 -19.91
N GLY A 239 5.64 1.52 -21.21
CA GLY A 239 6.76 0.73 -21.70
C GLY A 239 8.06 1.31 -21.17
N VAL A 240 8.13 2.64 -21.23
CA VAL A 240 9.27 3.38 -20.74
C VAL A 240 9.38 3.18 -19.24
N LEU A 241 8.23 3.22 -18.54
CA LEU A 241 8.26 3.00 -17.08
C LEU A 241 8.89 1.65 -16.77
N LEU A 242 8.50 0.62 -17.54
CA LEU A 242 9.08 -0.72 -17.35
C LEU A 242 10.59 -0.72 -17.46
N TRP A 243 11.09 0.00 -18.45
CA TRP A 243 12.52 0.12 -18.66
C TRP A 243 13.11 0.78 -17.39
N GLU A 244 12.50 1.87 -16.94
CA GLU A 244 12.95 2.56 -15.74
C GLU A 244 13.01 1.59 -14.56
N ILE A 245 11.98 0.77 -14.39
CA ILE A 245 11.97 -0.19 -13.29
C ILE A 245 13.12 -1.20 -13.38
N PHE A 246 13.26 -1.88 -14.52
CA PHE A 246 14.31 -2.91 -14.69
C PHE A 246 15.75 -2.46 -14.81
N THR A 247 15.97 -1.15 -14.78
CA THR A 247 17.30 -0.58 -14.83
C THR A 247 17.49 0.04 -13.45
N LEU A 248 16.50 -0.18 -12.59
CA LEU A 248 16.48 0.32 -11.22
C LEU A 248 16.68 1.86 -11.16
N GLY A 249 15.93 2.61 -11.95
CA GLY A 249 16.04 4.04 -11.94
C GLY A 249 16.90 4.66 -13.02
N GLY A 250 17.08 3.94 -14.14
CA GLY A 250 17.88 4.49 -15.20
C GLY A 250 17.11 5.61 -15.87
N SER A 251 17.75 6.32 -16.80
CA SER A 251 17.08 7.39 -17.56
C SER A 251 16.79 6.88 -18.96
N PRO A 252 15.56 7.08 -19.44
CA PRO A 252 15.24 6.60 -20.79
C PRO A 252 16.12 7.25 -21.83
N TYR A 253 16.53 6.49 -22.83
CA TYR A 253 17.42 6.98 -23.90
C TYR A 253 18.55 7.81 -23.31
N PRO A 254 19.43 7.18 -22.52
CA PRO A 254 20.54 7.89 -21.89
C PRO A 254 21.55 8.51 -22.86
N GLY A 255 21.85 9.79 -22.65
CA GLY A 255 22.83 10.48 -23.47
C GLY A 255 22.31 11.05 -24.80
N VAL A 256 21.11 10.61 -25.21
CA VAL A 256 20.53 11.07 -26.46
C VAL A 256 19.82 12.41 -26.30
N PRO A 257 20.31 13.45 -27.01
CA PRO A 257 19.69 14.78 -26.96
C PRO A 257 18.26 14.70 -27.46
N VAL A 258 17.36 15.44 -26.84
CA VAL A 258 15.98 15.42 -27.24
C VAL A 258 15.75 15.77 -28.71
N GLU A 259 16.49 16.75 -29.23
CA GLU A 259 16.28 17.13 -30.62
C GLU A 259 16.58 16.01 -31.60
N GLU A 260 17.39 15.06 -31.17
CA GLU A 260 17.76 13.92 -32.00
C GLU A 260 16.84 12.74 -31.78
N LEU A 261 16.10 12.82 -30.67
CA LEU A 261 15.15 11.78 -30.28
C LEU A 261 14.07 11.69 -31.35
N PHE A 262 13.66 12.87 -31.84
CA PHE A 262 12.65 12.98 -32.89
C PHE A 262 13.08 12.20 -34.12
N LYS A 263 14.34 12.41 -34.52
CA LYS A 263 14.88 11.72 -35.68
C LYS A 263 14.93 10.22 -35.41
N LEU A 264 15.38 9.85 -34.22
CA LEU A 264 15.50 8.44 -33.82
C LEU A 264 14.18 7.69 -33.84
N LEU A 265 13.14 8.32 -33.30
CA LEU A 265 11.82 7.68 -33.26
C LEU A 265 11.25 7.56 -34.64
N LYS A 266 11.30 8.64 -35.41
CA LYS A 266 10.76 8.62 -36.79
C LYS A 266 11.43 7.53 -37.62
N GLU A 267 12.58 7.04 -37.17
CA GLU A 267 13.30 5.99 -37.91
C GLU A 267 13.16 4.60 -37.29
N GLY A 268 12.24 4.46 -36.34
CA GLY A 268 12.02 3.18 -35.70
C GLY A 268 13.01 2.74 -34.65
N HIS A 269 13.55 3.70 -33.89
CA HIS A 269 14.51 3.40 -32.84
C HIS A 269 13.76 3.14 -31.54
N ARG A 270 14.16 2.06 -30.85
CA ARG A 270 13.62 1.68 -29.55
C ARG A 270 14.81 1.55 -28.58
N MET A 271 14.56 1.62 -27.28
CA MET A 271 15.66 1.48 -26.33
C MET A 271 16.09 0.04 -26.31
N ASP A 272 17.28 -0.23 -25.77
CA ASP A 272 17.75 -1.59 -25.75
C ASP A 272 17.32 -2.33 -24.49
N LYS A 273 17.54 -3.63 -24.47
CA LYS A 273 17.15 -4.42 -23.31
C LYS A 273 18.06 -4.15 -22.12
N PRO A 274 17.47 -3.84 -20.95
CA PRO A 274 18.26 -3.57 -19.75
C PRO A 274 18.87 -4.89 -19.30
N SER A 275 20.16 -4.90 -19.03
CA SER A 275 20.82 -6.11 -18.58
C SER A 275 20.07 -6.64 -17.35
N ASN A 276 20.09 -7.95 -17.17
CA ASN A 276 19.37 -8.57 -16.03
C ASN A 276 17.88 -8.27 -16.18
N CYS A 277 17.27 -8.84 -17.20
CA CYS A 277 15.86 -8.63 -17.49
C CYS A 277 15.49 -9.69 -18.50
N THR A 278 14.57 -10.58 -18.11
CA THR A 278 14.12 -11.64 -19.00
C THR A 278 13.78 -11.10 -20.38
N ASN A 279 13.66 -11.98 -21.36
CA ASN A 279 13.36 -11.56 -22.71
C ASN A 279 11.88 -11.24 -22.87
N GLU A 280 11.05 -11.88 -22.05
CA GLU A 280 9.62 -11.64 -22.14
C GLU A 280 9.30 -10.23 -21.65
N LEU A 281 9.97 -9.82 -20.58
CA LEU A 281 9.74 -8.47 -20.07
C LEU A 281 10.29 -7.46 -21.07
N TYR A 282 11.31 -7.84 -21.83
CA TYR A 282 11.81 -6.90 -22.79
C TYR A 282 10.81 -6.90 -23.95
N MET A 283 10.23 -8.05 -24.23
CA MET A 283 9.24 -8.12 -25.32
C MET A 283 8.01 -7.33 -24.92
N MET A 284 7.70 -7.33 -23.63
CA MET A 284 6.56 -6.57 -23.15
C MET A 284 6.82 -5.09 -23.41
N MET A 285 8.06 -4.65 -23.21
CA MET A 285 8.39 -3.25 -23.45
C MET A 285 8.19 -2.91 -24.93
N ARG A 286 8.63 -3.84 -25.77
CA ARG A 286 8.54 -3.68 -27.23
C ARG A 286 7.08 -3.56 -27.66
N ASP A 287 6.22 -4.44 -27.16
CA ASP A 287 4.81 -4.36 -27.50
C ASP A 287 4.29 -2.99 -27.13
N CYS A 288 4.64 -2.51 -25.94
CA CYS A 288 4.15 -1.20 -25.52
C CYS A 288 4.62 -0.11 -26.46
N TRP A 289 5.78 -0.32 -27.08
CA TRP A 289 6.37 0.64 -28.02
C TRP A 289 6.00 0.39 -29.48
N HIS A 290 5.01 -0.48 -29.71
CA HIS A 290 4.61 -0.78 -31.06
C HIS A 290 4.29 0.47 -31.90
N ALA A 291 4.72 0.45 -33.16
CA ALA A 291 4.50 1.60 -34.04
C ALA A 291 3.01 1.81 -34.30
N VAL A 292 2.24 0.73 -34.36
CA VAL A 292 0.80 0.83 -34.58
C VAL A 292 0.16 0.92 -33.19
N PRO A 293 -0.46 2.06 -32.87
CA PRO A 293 -1.09 2.18 -31.54
C PRO A 293 -2.08 1.07 -31.20
N SER A 294 -2.95 0.75 -32.14
CA SER A 294 -3.97 -0.29 -31.95
C SER A 294 -3.39 -1.70 -31.71
N GLN A 295 -2.10 -1.87 -32.00
CA GLN A 295 -1.40 -3.15 -31.83
C GLN A 295 -0.76 -3.32 -30.45
N ARG A 296 -0.56 -2.23 -29.73
CA ARG A 296 0.05 -2.27 -28.40
C ARG A 296 -0.95 -2.94 -27.48
N PRO A 297 -0.45 -3.57 -26.40
CA PRO A 297 -1.39 -4.22 -25.48
C PRO A 297 -2.15 -3.11 -24.78
N THR A 298 -3.32 -3.42 -24.24
CA THR A 298 -4.08 -2.45 -23.47
C THR A 298 -3.64 -2.74 -22.02
N PHE A 299 -4.06 -1.91 -21.09
CA PHE A 299 -3.69 -2.19 -19.74
C PHE A 299 -4.29 -3.49 -19.18
N LYS A 300 -5.45 -3.91 -19.69
CA LYS A 300 -6.06 -5.17 -19.22
C LYS A 300 -5.14 -6.34 -19.58
N GLN A 301 -4.52 -6.27 -20.77
CA GLN A 301 -3.58 -7.32 -21.20
C GLN A 301 -2.27 -7.25 -20.40
N LEU A 302 -1.80 -6.04 -20.12
CA LEU A 302 -0.58 -5.89 -19.31
C LEU A 302 -0.78 -6.42 -17.88
N VAL A 303 -1.92 -6.16 -17.26
CA VAL A 303 -2.16 -6.67 -15.92
C VAL A 303 -2.15 -8.19 -15.93
N GLU A 304 -2.92 -8.76 -16.86
CA GLU A 304 -3.02 -10.21 -16.95
C GLU A 304 -1.70 -10.91 -17.26
N ASP A 305 -0.89 -10.33 -18.14
CA ASP A 305 0.41 -10.90 -18.45
C ASP A 305 1.28 -10.81 -17.20
N LEU A 306 1.36 -9.60 -16.64
CA LEU A 306 2.12 -9.33 -15.42
C LEU A 306 1.58 -10.17 -14.25
N ASP A 307 0.31 -10.54 -14.31
CA ASP A 307 -0.24 -11.33 -13.23
C ASP A 307 0.46 -12.69 -13.25
N ARG A 308 0.51 -13.27 -14.44
CA ARG A 308 1.11 -14.58 -14.66
C ARG A 308 2.57 -14.59 -14.30
N ILE A 309 3.29 -13.55 -14.70
CA ILE A 309 4.70 -13.49 -14.38
C ILE A 309 4.94 -13.37 -12.89
N VAL A 310 4.06 -12.64 -12.19
CA VAL A 310 4.23 -12.50 -10.76
C VAL A 310 4.02 -13.86 -10.12
N ALA A 311 2.99 -14.58 -10.57
CA ALA A 311 2.67 -15.91 -10.06
C ALA A 311 3.80 -16.89 -10.29
N LEU A 312 4.48 -16.73 -11.42
CA LEU A 312 5.58 -17.60 -11.80
C LEU A 312 6.95 -17.20 -11.24
N THR A 313 7.18 -15.90 -11.06
CA THR A 313 8.45 -15.42 -10.53
C THR A 313 8.59 -15.68 -9.03
N SER A 314 7.50 -15.49 -8.31
CA SER A 314 7.52 -15.75 -6.88
C SER A 314 7.17 -17.23 -6.76
N ASN A 315 8.15 -18.04 -6.44
CA ASN A 315 7.92 -19.46 -6.32
C ASN A 315 7.12 -19.78 -5.05
N GLN A 316 5.86 -19.33 -5.06
CA GLN A 316 4.94 -19.51 -3.95
C GLN A 316 3.75 -20.28 -4.55
N GLU A 317 3.59 -21.54 -4.16
CA GLU A 317 2.52 -22.36 -4.71
C GLU A 317 1.14 -22.10 -4.11
N LEU A 319 -3.33 -23.09 -4.68
CA LEU A 319 -4.27 -24.09 -5.16
C LEU A 319 -4.74 -23.80 -6.58
N ASP A 320 -4.62 -24.79 -7.44
CA ASP A 320 -5.06 -24.66 -8.84
C ASP A 320 -6.45 -25.29 -8.91
N LEU A 321 -7.45 -24.45 -9.11
CA LEU A 321 -8.85 -24.90 -9.18
C LEU A 321 -9.35 -25.05 -10.62
N SER A 322 -8.66 -25.86 -11.42
CA SER A 322 -9.05 -26.08 -12.80
C SER A 322 -8.27 -27.19 -13.51
N HIS B 1 -18.88 -5.42 4.25
CA HIS B 1 -17.55 -5.14 4.88
C HIS B 1 -17.10 -6.27 5.78
N SER B 2 -15.81 -6.23 6.13
CA SER B 2 -15.21 -7.24 7.01
C SER B 2 -14.96 -6.70 8.41
N SER B 3 -15.44 -7.45 9.40
CA SER B 3 -15.27 -7.11 10.81
C SER B 3 -14.56 -8.30 11.47
N GLU B 4 -13.23 -8.25 11.45
CA GLU B 4 -12.38 -9.29 12.01
C GLU B 4 -12.92 -10.70 11.67
N LYS B 5 -13.17 -11.51 12.69
CA LYS B 5 -13.66 -12.87 12.50
C LYS B 5 -12.52 -13.73 11.96
N TRP B 6 -12.75 -14.35 10.81
CA TRP B 6 -11.73 -15.15 10.14
C TRP B 6 -10.84 -14.19 9.37
N PHE B 7 -11.31 -12.93 9.27
CA PHE B 7 -10.58 -11.89 8.55
C PHE B 7 -9.47 -11.30 9.42
N HIS B 8 -8.24 -11.70 9.13
CA HIS B 8 -7.08 -11.24 9.88
C HIS B 8 -6.43 -10.00 9.26
N GLY B 9 -6.53 -9.86 7.94
CA GLY B 9 -5.94 -8.70 7.29
C GLY B 9 -4.43 -8.76 7.15
N LYS B 10 -3.78 -7.64 7.45
CA LYS B 10 -2.35 -7.51 7.35
C LYS B 10 -1.64 -8.30 8.45
N LEU B 11 -0.66 -9.10 8.07
CA LEU B 11 0.10 -9.90 9.02
C LEU B 11 1.58 -9.54 8.97
N GLY B 12 2.14 -9.25 10.13
CA GLY B 12 3.54 -8.91 10.20
C GLY B 12 3.91 -7.59 9.56
N ALA B 13 2.98 -6.63 9.62
CA ALA B 13 3.17 -5.32 9.03
C ALA B 13 3.66 -5.41 7.60
N GLY B 14 3.09 -6.36 6.86
CA GLY B 14 3.46 -6.55 5.46
C GLY B 14 4.60 -7.52 5.26
N ARG B 15 5.22 -7.96 6.36
CA ARG B 15 6.36 -8.88 6.27
C ARG B 15 5.99 -10.35 6.57
N ASP B 16 6.49 -11.26 5.73
CA ASP B 16 6.28 -12.71 5.85
C ASP B 16 4.84 -13.11 6.20
N GLY B 17 3.88 -12.58 5.43
CA GLY B 17 2.49 -12.90 5.70
C GLY B 17 2.06 -14.36 5.52
N ARG B 18 2.67 -15.08 4.58
CA ARG B 18 2.32 -16.49 4.39
C ARG B 18 2.85 -17.30 5.56
N HIS B 19 4.15 -17.19 5.80
CA HIS B 19 4.84 -17.89 6.88
C HIS B 19 4.14 -17.67 8.22
N ILE B 20 3.88 -16.41 8.56
CA ILE B 20 3.20 -16.06 9.80
C ILE B 20 1.84 -16.74 9.91
N ALA B 21 1.17 -16.92 8.76
CA ALA B 21 -0.15 -17.54 8.74
C ALA B 21 -0.04 -19.05 8.85
N GLU B 22 1.08 -19.62 8.45
CA GLU B 22 1.27 -21.06 8.53
C GLU B 22 1.51 -21.47 9.99
N ARG B 23 2.42 -20.77 10.67
CA ARG B 23 2.69 -21.09 12.07
C ARG B 23 1.44 -20.82 12.91
N LEU B 24 0.66 -19.82 12.51
CA LEU B 24 -0.56 -19.47 13.24
C LEU B 24 -1.63 -20.55 13.12
N LEU B 25 -1.69 -21.23 11.98
CA LEU B 25 -2.68 -22.29 11.75
C LEU B 25 -2.20 -23.67 12.20
N THR B 26 -0.91 -23.92 12.05
CA THR B 26 -0.32 -25.19 12.42
C THR B 26 -0.40 -25.48 13.91
N GLU B 27 0.36 -24.70 14.70
CA GLU B 27 0.38 -24.87 16.14
C GLU B 27 -1.01 -24.74 16.75
N TYR B 28 -1.86 -23.95 16.10
CA TYR B 28 -3.23 -23.77 16.59
C TYR B 28 -4.08 -25.00 16.34
N CYS B 29 -4.03 -25.53 15.12
CA CYS B 29 -4.82 -26.70 14.78
C CYS B 29 -4.25 -27.98 15.41
N ILE B 30 -2.93 -28.14 15.37
CA ILE B 30 -2.31 -29.32 15.96
C ILE B 30 -2.77 -29.48 17.41
N GLU B 31 -2.70 -28.37 18.16
CA GLU B 31 -3.10 -28.37 19.55
C GLU B 31 -4.62 -28.55 19.73
N THR B 32 -5.38 -27.54 19.34
CA THR B 32 -6.84 -27.54 19.47
C THR B 32 -7.52 -28.71 18.75
N GLY B 33 -6.75 -29.54 18.06
CA GLY B 33 -7.33 -30.65 17.33
C GLY B 33 -8.40 -30.17 16.39
N ALA B 34 -8.03 -29.16 15.59
CA ALA B 34 -8.93 -28.55 14.63
C ALA B 34 -9.34 -29.44 13.45
N PRO B 35 -10.61 -29.32 13.01
CA PRO B 35 -11.12 -30.12 11.88
C PRO B 35 -10.68 -29.50 10.56
N ASP B 36 -10.71 -30.30 9.51
CA ASP B 36 -10.31 -29.82 8.19
C ASP B 36 -11.29 -28.72 7.77
N GLY B 37 -10.75 -27.66 7.19
CA GLY B 37 -11.59 -26.55 6.77
C GLY B 37 -11.43 -25.34 7.63
N SER B 38 -10.60 -25.44 8.64
CA SER B 38 -10.34 -24.31 9.53
C SER B 38 -9.66 -23.24 8.68
N PHE B 39 -10.10 -21.99 8.81
CA PHE B 39 -9.53 -20.94 7.97
C PHE B 39 -9.50 -19.51 8.48
N LEU B 40 -8.86 -18.68 7.67
CA LEU B 40 -8.71 -17.25 7.86
C LEU B 40 -8.46 -16.64 6.48
N VAL B 41 -8.84 -15.37 6.34
CA VAL B 41 -8.67 -14.61 5.12
C VAL B 41 -7.65 -13.52 5.44
N ARG B 42 -6.56 -13.52 4.69
CA ARG B 42 -5.51 -12.54 4.89
C ARG B 42 -5.23 -11.75 3.61
N GLU B 43 -4.43 -10.69 3.71
CA GLU B 43 -4.09 -9.91 2.56
C GLU B 43 -3.07 -10.73 1.82
N SER B 44 -3.02 -10.60 0.51
CA SER B 44 -2.10 -11.37 -0.30
C SER B 44 -0.74 -10.71 -0.36
N GLU B 45 0.30 -11.53 -0.27
CA GLU B 45 1.66 -11.05 -0.32
C GLU B 45 2.15 -11.04 -1.76
N THR B 46 1.80 -12.08 -2.50
CA THR B 46 2.21 -12.22 -3.88
C THR B 46 1.43 -11.30 -4.82
N PHE B 47 0.12 -11.27 -4.66
CA PHE B 47 -0.72 -10.45 -5.49
C PHE B 47 -1.30 -9.27 -4.72
N VAL B 48 -0.49 -8.22 -4.60
CA VAL B 48 -0.90 -7.04 -3.87
C VAL B 48 -2.28 -6.50 -4.26
N GLY B 49 -3.15 -6.31 -3.28
CA GLY B 49 -4.50 -5.85 -3.56
C GLY B 49 -5.54 -6.95 -3.45
N ASP B 50 -5.15 -8.18 -3.77
CA ASP B 50 -6.08 -9.31 -3.68
C ASP B 50 -6.04 -9.92 -2.28
N TYR B 51 -6.75 -11.03 -2.11
CA TYR B 51 -6.78 -11.73 -0.83
C TYR B 51 -6.31 -13.15 -0.96
N THR B 52 -6.24 -13.84 0.17
CA THR B 52 -5.83 -15.23 0.24
C THR B 52 -6.62 -15.93 1.32
N LEU B 53 -7.08 -17.13 1.00
CA LEU B 53 -7.83 -17.94 1.93
C LEU B 53 -6.87 -19.03 2.33
N SER B 54 -6.44 -19.02 3.58
CA SER B 54 -5.52 -20.02 4.08
C SER B 54 -6.35 -20.97 4.97
N PHE B 55 -6.12 -22.26 4.85
CA PHE B 55 -6.88 -23.22 5.63
C PHE B 55 -6.11 -24.47 6.02
N TRP B 56 -6.71 -25.24 6.93
CA TRP B 56 -6.12 -26.47 7.44
C TRP B 56 -6.72 -27.71 6.77
N ARG B 57 -5.85 -28.56 6.21
CA ARG B 57 -6.30 -29.78 5.56
C ARG B 57 -5.27 -30.91 5.63
N ASN B 58 -5.53 -31.87 6.51
CA ASN B 58 -4.69 -33.04 6.70
C ASN B 58 -3.26 -32.74 7.11
N GLY B 59 -3.13 -32.11 8.26
CA GLY B 59 -1.82 -31.76 8.80
C GLY B 59 -1.07 -30.78 7.95
N LYS B 60 -1.74 -30.18 6.97
CA LYS B 60 -1.11 -29.23 6.08
C LYS B 60 -1.97 -27.99 5.86
N VAL B 61 -1.34 -26.82 5.82
CA VAL B 61 -2.05 -25.57 5.59
C VAL B 61 -1.88 -25.19 4.11
N GLN B 62 -3.00 -24.98 3.42
CA GLN B 62 -2.98 -24.62 2.01
C GLN B 62 -3.64 -23.27 1.73
N HIS B 63 -3.11 -22.57 0.74
CA HIS B 63 -3.62 -21.25 0.41
C HIS B 63 -4.34 -21.20 -0.91
N CYS B 64 -5.42 -20.41 -0.94
CA CYS B 64 -6.20 -20.24 -2.13
C CYS B 64 -6.35 -18.77 -2.42
N ARG B 65 -6.07 -18.40 -3.66
CA ARG B 65 -6.15 -17.03 -4.10
C ARG B 65 -7.58 -16.54 -4.29
N ILE B 66 -7.93 -15.40 -3.68
CA ILE B 66 -9.27 -14.82 -3.84
C ILE B 66 -9.16 -13.60 -4.74
N HIS B 67 -9.50 -13.76 -6.01
CA HIS B 67 -9.42 -12.67 -6.94
C HIS B 67 -10.45 -11.60 -6.59
N SER B 68 -10.08 -10.34 -6.84
CA SER B 68 -10.93 -9.21 -6.57
C SER B 68 -10.95 -8.37 -7.84
N ARG B 69 -12.09 -7.76 -8.16
CA ARG B 69 -12.15 -6.92 -9.36
C ARG B 69 -13.13 -5.77 -9.12
N GLN B 70 -12.60 -4.56 -9.20
CA GLN B 70 -13.37 -3.35 -8.95
C GLN B 70 -13.66 -2.54 -10.23
N ASP B 71 -13.97 -3.23 -11.32
CA ASP B 71 -14.24 -2.55 -12.58
C ASP B 71 -15.72 -2.30 -12.81
N ALA B 72 -16.56 -3.30 -12.50
CA ALA B 72 -18.01 -3.16 -12.69
C ALA B 72 -18.61 -2.21 -11.64
N GLY B 73 -17.82 -1.26 -11.18
CA GLY B 73 -18.28 -0.32 -10.18
C GLY B 73 -18.34 -1.01 -8.83
N THR B 74 -18.88 -2.22 -8.83
CA THR B 74 -19.03 -3.02 -7.62
C THR B 74 -17.85 -3.97 -7.47
N PRO B 75 -17.35 -4.16 -6.24
CA PRO B 75 -16.23 -5.07 -6.07
C PRO B 75 -16.70 -6.48 -6.34
N LYS B 76 -15.80 -7.33 -6.81
CA LYS B 76 -16.15 -8.71 -7.11
C LYS B 76 -15.11 -9.64 -6.51
N PHE B 77 -15.58 -10.77 -5.97
CA PHE B 77 -14.68 -11.74 -5.37
C PHE B 77 -14.96 -13.13 -5.88
N PHE B 78 -13.92 -13.89 -6.15
CA PHE B 78 -14.10 -15.24 -6.67
C PHE B 78 -12.85 -16.10 -6.53
N LEU B 79 -13.06 -17.42 -6.55
CA LEU B 79 -11.97 -18.37 -6.48
C LEU B 79 -11.92 -19.12 -7.81
N THR B 80 -13.04 -19.13 -8.51
CA THR B 80 -13.16 -19.81 -9.79
C THR B 80 -13.84 -18.89 -10.78
N ASP B 81 -13.74 -19.21 -12.07
CA ASP B 81 -14.34 -18.37 -13.10
C ASP B 81 -15.84 -18.52 -13.29
N ASN B 82 -16.43 -19.50 -12.63
CA ASN B 82 -17.86 -19.75 -12.78
C ASN B 82 -18.71 -19.29 -11.59
N LEU B 83 -18.07 -18.74 -10.56
CA LEU B 83 -18.79 -18.30 -9.38
C LEU B 83 -18.23 -17.00 -8.78
N VAL B 84 -19.09 -16.00 -8.67
CA VAL B 84 -18.69 -14.71 -8.15
C VAL B 84 -19.63 -14.11 -7.10
N PHE B 85 -19.06 -13.34 -6.16
CA PHE B 85 -19.82 -12.71 -5.10
C PHE B 85 -19.52 -11.24 -4.89
N ASP B 86 -20.47 -10.53 -4.28
CA ASP B 86 -20.32 -9.09 -4.02
C ASP B 86 -19.53 -8.75 -2.78
N SER B 87 -19.10 -9.75 -2.04
CA SER B 87 -18.32 -9.49 -0.83
C SER B 87 -17.61 -10.73 -0.33
N LEU B 88 -16.56 -10.51 0.43
CA LEU B 88 -15.78 -11.62 0.99
C LEU B 88 -16.70 -12.44 1.84
N TYR B 89 -17.65 -11.75 2.47
CA TYR B 89 -18.62 -12.42 3.35
C TYR B 89 -19.47 -13.43 2.60
N ASP B 90 -20.18 -12.97 1.57
CA ASP B 90 -21.01 -13.85 0.78
C ASP B 90 -20.17 -14.97 0.16
N LEU B 91 -18.91 -14.69 -0.09
CA LEU B 91 -18.01 -15.66 -0.70
C LEU B 91 -17.60 -16.71 0.35
N ILE B 92 -17.11 -16.27 1.49
CA ILE B 92 -16.72 -17.18 2.57
C ILE B 92 -17.96 -17.96 3.01
N THR B 93 -19.06 -17.24 3.23
CA THR B 93 -20.29 -17.87 3.63
C THR B 93 -20.54 -19.05 2.71
N HIS B 94 -20.61 -18.77 1.40
CA HIS B 94 -20.88 -19.78 0.37
C HIS B 94 -19.98 -21.02 0.44
N TYR B 95 -18.67 -20.82 0.51
CA TYR B 95 -17.79 -21.96 0.54
C TYR B 95 -17.77 -22.70 1.88
N GLN B 96 -18.66 -22.30 2.79
CA GLN B 96 -18.77 -22.99 4.06
C GLN B 96 -19.80 -24.10 3.80
N GLN B 97 -20.85 -23.75 3.07
CA GLN B 97 -21.89 -24.71 2.73
C GLN B 97 -21.45 -25.58 1.55
N VAL B 98 -21.02 -24.93 0.48
CA VAL B 98 -20.59 -25.62 -0.74
C VAL B 98 -19.06 -25.80 -0.74
N PRO B 99 -18.60 -27.02 -1.04
CA PRO B 99 -17.18 -27.42 -1.09
C PRO B 99 -16.26 -26.63 -2.00
N LEU B 100 -15.00 -27.06 -2.02
CA LEU B 100 -13.96 -26.46 -2.84
C LEU B 100 -13.41 -27.55 -3.73
N ARG B 101 -13.77 -27.50 -5.01
CA ARG B 101 -13.33 -28.50 -5.98
C ARG B 101 -12.02 -28.17 -6.64
N CYS B 102 -11.00 -29.00 -6.38
CA CYS B 102 -9.68 -28.80 -6.97
C CYS B 102 -9.19 -30.10 -7.62
N ASN B 103 -7.87 -30.25 -7.71
CA ASN B 103 -7.27 -31.42 -8.32
C ASN B 103 -7.43 -32.63 -7.43
N GLU B 104 -7.00 -32.50 -6.17
CA GLU B 104 -7.13 -33.57 -5.18
C GLU B 104 -8.59 -33.99 -5.06
N PHE B 105 -9.32 -33.28 -4.19
CA PHE B 105 -10.73 -33.56 -3.96
C PHE B 105 -11.46 -32.27 -3.61
N GLU B 106 -12.59 -32.41 -2.92
CA GLU B 106 -13.36 -31.25 -2.51
C GLU B 106 -13.15 -30.98 -1.03
N MET B 107 -13.77 -29.90 -0.54
CA MET B 107 -13.63 -29.54 0.87
C MET B 107 -14.44 -28.30 1.22
N ARG B 108 -15.26 -28.39 2.25
CA ARG B 108 -16.06 -27.27 2.71
C ARG B 108 -15.25 -26.67 3.84
N LEU B 109 -15.09 -25.35 3.84
CA LEU B 109 -14.34 -24.69 4.92
C LEU B 109 -15.15 -24.89 6.21
N SER B 110 -14.48 -25.29 7.29
CA SER B 110 -15.19 -25.51 8.55
C SER B 110 -15.28 -24.31 9.48
N GLU B 111 -14.34 -24.17 10.42
CA GLU B 111 -14.43 -23.07 11.36
C GLU B 111 -13.28 -22.07 11.31
N PRO B 112 -13.57 -20.79 11.62
CA PRO B 112 -12.61 -19.66 11.65
C PRO B 112 -11.40 -20.00 12.51
N VAL B 113 -10.49 -19.05 12.58
CA VAL B 113 -9.28 -19.21 13.39
C VAL B 113 -8.99 -17.81 13.92
N PRO B 114 -8.82 -17.67 15.24
CA PRO B 114 -8.55 -16.38 15.89
C PRO B 114 -7.16 -15.82 15.55
N GLN B 115 -6.97 -14.57 15.91
CA GLN B 115 -5.71 -13.89 15.64
C GLN B 115 -4.71 -14.06 16.80
N THR B 116 -4.16 -15.27 16.90
CA THR B 116 -3.22 -15.60 17.95
C THR B 116 -1.83 -14.98 17.86
N ASN B 117 -1.45 -14.43 16.70
CA ASN B 117 -0.12 -13.83 16.53
C ASN B 117 -0.21 -12.34 16.27
N ALA B 118 -1.43 -11.83 16.19
CA ALA B 118 -1.66 -10.42 15.93
C ALA B 118 -0.86 -9.45 16.79
N HIS B 119 -0.59 -9.83 18.03
CA HIS B 119 0.15 -8.95 18.92
C HIS B 119 1.65 -8.90 18.64
N GLU B 120 2.17 -9.95 18.01
CA GLU B 120 3.61 -10.02 17.71
C GLU B 120 4.15 -8.99 16.73
N SER B 121 3.27 -8.14 16.17
CA SER B 121 3.71 -7.10 15.23
C SER B 121 3.34 -5.71 15.71
N LYS B 122 2.53 -5.67 16.77
CA LYS B 122 2.08 -4.41 17.35
C LYS B 122 3.18 -3.61 18.04
N GLU B 123 3.01 -2.31 18.05
CA GLU B 123 3.99 -1.39 18.66
C GLU B 123 4.12 -1.59 20.16
N TRP B 124 3.00 -1.75 20.86
CA TRP B 124 3.00 -1.92 22.31
C TRP B 124 3.50 -3.27 22.84
N TYR B 125 3.51 -4.28 21.97
CA TYR B 125 3.95 -5.59 22.41
C TYR B 125 5.46 -5.82 22.39
N HIS B 126 5.98 -6.34 23.50
CA HIS B 126 7.38 -6.66 23.64
C HIS B 126 7.50 -8.12 24.04
N ALA B 127 8.47 -8.82 23.47
CA ALA B 127 8.64 -10.24 23.76
C ALA B 127 9.61 -10.50 24.92
N SER B 128 10.63 -9.65 25.04
CA SER B 128 11.61 -9.82 26.08
C SER B 128 11.93 -8.49 26.76
N LEU B 129 11.13 -8.15 27.78
CA LEU B 129 11.29 -6.92 28.55
C LEU B 129 11.11 -7.17 30.06
N THR B 130 12.14 -6.85 30.84
CA THR B 130 12.07 -6.99 32.29
C THR B 130 11.14 -5.88 32.81
N ARG B 131 10.56 -6.08 33.99
CA ARG B 131 9.69 -5.06 34.58
C ARG B 131 10.40 -3.71 34.72
N ALA B 132 11.62 -3.72 35.25
CA ALA B 132 12.41 -2.50 35.42
C ALA B 132 12.66 -1.95 34.02
N GLN B 133 13.01 -2.84 33.12
CA GLN B 133 13.28 -2.52 31.72
C GLN B 133 12.07 -1.82 31.12
N ALA B 134 10.88 -2.19 31.59
CA ALA B 134 9.62 -1.63 31.11
C ALA B 134 9.33 -0.36 31.86
N GLU B 135 9.52 -0.40 33.17
CA GLU B 135 9.29 0.78 33.99
C GLU B 135 10.15 1.94 33.54
N HIS B 136 11.38 1.64 33.14
CA HIS B 136 12.30 2.68 32.68
C HIS B 136 11.76 3.38 31.45
N MET B 137 11.08 2.62 30.57
CA MET B 137 10.51 3.21 29.34
C MET B 137 9.33 4.10 29.68
N LEU B 138 8.48 3.64 30.58
CA LEU B 138 7.31 4.43 31.00
C LEU B 138 7.71 5.57 31.92
N MET B 139 8.94 5.52 32.42
CA MET B 139 9.44 6.55 33.31
C MET B 139 9.82 7.78 32.46
N ARG B 140 10.20 7.50 31.22
CA ARG B 140 10.60 8.55 30.28
C ARG B 140 9.41 9.18 29.57
N VAL B 141 8.20 8.78 29.97
CA VAL B 141 7.01 9.31 29.36
C VAL B 141 6.09 9.90 30.44
N PRO B 142 6.28 11.20 30.78
CA PRO B 142 5.49 11.90 31.79
C PRO B 142 4.03 12.12 31.37
N ARG B 143 3.25 11.04 31.30
CA ARG B 143 1.83 11.10 30.93
C ARG B 143 1.04 9.95 31.56
N ASP B 144 -0.27 9.99 31.36
CA ASP B 144 -1.16 8.99 31.89
C ASP B 144 -1.95 8.37 30.72
N GLY B 145 -1.76 7.06 30.53
CA GLY B 145 -2.43 6.35 29.45
C GLY B 145 -1.40 5.62 28.61
N ALA B 146 -0.13 6.05 28.75
CA ALA B 146 0.97 5.43 28.03
C ALA B 146 1.05 3.99 28.52
N PHE B 147 1.41 3.06 27.64
CA PHE B 147 1.49 1.66 28.06
C PHE B 147 2.28 0.76 27.12
N LEU B 148 2.24 -0.53 27.44
CA LEU B 148 2.91 -1.57 26.67
C LEU B 148 2.53 -2.93 27.24
N VAL B 149 2.89 -3.98 26.52
CA VAL B 149 2.60 -5.34 26.93
C VAL B 149 3.81 -6.25 26.73
N ARG B 150 4.41 -6.65 27.84
CA ARG B 150 5.57 -7.52 27.78
C ARG B 150 5.19 -8.95 28.11
N LYS B 151 5.98 -9.88 27.57
CA LYS B 151 5.79 -11.31 27.81
C LYS B 151 6.74 -11.69 28.96
N ARG B 152 6.25 -12.48 29.90
CA ARG B 152 7.08 -12.90 31.03
C ARG B 152 7.57 -14.34 30.87
N ASN B 153 8.68 -14.64 31.54
CA ASN B 153 9.30 -15.96 31.49
C ASN B 153 8.31 -17.06 31.79
N GLU B 154 7.44 -16.82 32.77
CA GLU B 154 6.44 -17.81 33.13
C GLU B 154 5.64 -18.17 31.88
N PRO B 155 5.48 -19.47 31.60
CA PRO B 155 4.71 -19.91 30.43
C PRO B 155 3.26 -19.41 30.40
N ASN B 156 2.83 -18.97 29.23
CA ASN B 156 1.48 -18.48 29.01
C ASN B 156 1.03 -17.40 29.99
N SER B 157 1.74 -16.27 29.95
CA SER B 157 1.41 -15.15 30.81
C SER B 157 2.11 -13.86 30.35
N TYR B 158 1.37 -12.77 30.38
CA TYR B 158 1.90 -11.47 29.98
C TYR B 158 1.49 -10.42 30.99
N ALA B 159 2.28 -9.35 31.09
CA ALA B 159 1.97 -8.27 32.01
C ALA B 159 1.66 -7.07 31.17
N ILE B 160 0.81 -6.19 31.69
CA ILE B 160 0.45 -4.94 31.01
C ILE B 160 1.00 -3.83 31.89
N SER B 161 1.96 -3.07 31.39
CA SER B 161 2.52 -1.99 32.20
C SER B 161 1.98 -0.66 31.72
N PHE B 162 1.50 0.15 32.64
CA PHE B 162 0.93 1.45 32.31
C PHE B 162 1.16 2.53 33.38
N ARG B 163 0.95 3.79 33.00
CA ARG B 163 1.13 4.91 33.90
C ARG B 163 -0.19 5.50 34.38
N ALA B 164 -0.62 5.12 35.58
CA ALA B 164 -1.88 5.60 36.14
C ALA B 164 -1.64 6.61 37.27
N GLU B 165 -2.30 7.76 37.16
CA GLU B 165 -2.17 8.83 38.14
C GLU B 165 -0.72 9.27 38.32
N GLY B 166 0.01 9.37 37.22
CA GLY B 166 1.40 9.79 37.25
C GLY B 166 2.34 8.81 37.95
N LYS B 167 1.93 7.55 38.03
CA LYS B 167 2.74 6.52 38.67
C LYS B 167 2.65 5.18 37.96
N ILE B 168 3.77 4.46 37.89
CA ILE B 168 3.82 3.15 37.23
C ILE B 168 2.98 2.12 37.96
N LYS B 169 2.18 1.37 37.19
CA LYS B 169 1.32 0.32 37.73
C LYS B 169 1.28 -0.81 36.72
N HIS B 170 1.32 -2.05 37.18
CA HIS B 170 1.30 -3.17 36.28
C HIS B 170 0.05 -4.02 36.41
N CYS B 171 -0.22 -4.84 35.40
CA CYS B 171 -1.39 -5.72 35.39
C CYS B 171 -1.04 -7.10 34.83
N ARG B 172 -1.63 -8.13 35.45
CA ARG B 172 -1.40 -9.52 35.09
C ARG B 172 -2.40 -10.09 34.10
N VAL B 173 -1.88 -10.73 33.05
CA VAL B 173 -2.70 -11.37 32.01
C VAL B 173 -2.22 -12.81 31.93
N GLN B 174 -3.16 -13.74 31.88
CA GLN B 174 -2.80 -15.14 31.80
C GLN B 174 -3.44 -15.89 30.63
N GLN B 175 -2.60 -16.59 29.87
CA GLN B 175 -3.00 -17.36 28.72
C GLN B 175 -3.53 -18.72 29.16
N GLU B 176 -4.81 -18.98 28.87
CA GLU B 176 -5.44 -20.24 29.26
C GLU B 176 -5.81 -21.06 28.02
N GLY B 177 -4.80 -21.73 27.43
CA GLY B 177 -5.04 -22.54 26.24
C GLY B 177 -5.12 -21.63 25.03
N GLN B 178 -6.34 -21.29 24.63
CA GLN B 178 -6.55 -20.42 23.48
C GLN B 178 -7.34 -19.14 23.82
N THR B 179 -7.36 -18.78 25.10
CA THR B 179 -8.07 -17.58 25.54
C THR B 179 -7.21 -16.84 26.55
N VAL B 180 -7.31 -15.52 26.53
CA VAL B 180 -6.53 -14.70 27.45
C VAL B 180 -7.45 -14.20 28.56
N MET B 181 -6.97 -14.29 29.78
CA MET B 181 -7.72 -13.87 30.96
C MET B 181 -7.03 -12.68 31.63
N LEU B 182 -7.82 -11.67 31.94
CA LEU B 182 -7.30 -10.50 32.64
C LEU B 182 -7.97 -10.59 33.99
N GLY B 183 -7.44 -11.47 34.83
CA GLY B 183 -8.05 -11.69 36.12
C GLY B 183 -9.28 -12.52 35.84
N ASN B 184 -10.44 -11.99 36.16
CA ASN B 184 -11.69 -12.71 35.93
C ASN B 184 -12.15 -12.59 34.48
N SER B 185 -11.84 -11.45 33.86
CA SER B 185 -12.20 -11.17 32.48
C SER B 185 -11.53 -12.14 31.50
N GLU B 186 -12.21 -12.43 30.40
CA GLU B 186 -11.73 -13.35 29.37
C GLU B 186 -11.84 -12.79 27.95
N PHE B 187 -10.81 -12.99 27.12
CA PHE B 187 -10.83 -12.51 25.75
C PHE B 187 -10.26 -13.55 24.77
N ASP B 188 -10.39 -13.29 23.47
CA ASP B 188 -9.93 -14.20 22.44
C ASP B 188 -8.46 -14.16 22.12
N SER B 189 -7.80 -13.03 22.40
CA SER B 189 -6.37 -12.90 22.15
C SER B 189 -5.91 -11.58 22.72
N LEU B 190 -4.58 -11.41 22.83
CA LEU B 190 -4.03 -10.19 23.37
C LEU B 190 -4.60 -8.97 22.64
N VAL B 191 -4.57 -9.03 21.31
CA VAL B 191 -5.04 -7.93 20.50
C VAL B 191 -6.52 -7.60 20.70
N ASP B 192 -7.32 -8.61 21.04
CA ASP B 192 -8.73 -8.39 21.30
C ASP B 192 -8.89 -7.75 22.67
N LEU B 193 -7.95 -8.05 23.56
CA LEU B 193 -7.97 -7.53 24.90
C LEU B 193 -7.52 -6.07 24.94
N ILE B 194 -6.42 -5.78 24.26
CA ILE B 194 -5.93 -4.40 24.20
C ILE B 194 -6.96 -3.55 23.44
N SER B 195 -7.48 -4.09 22.35
CA SER B 195 -8.49 -3.42 21.55
C SER B 195 -9.64 -2.96 22.44
N TYR B 196 -10.07 -3.86 23.33
CA TYR B 196 -11.15 -3.52 24.24
C TYR B 196 -10.81 -2.32 25.11
N TYR B 197 -9.78 -2.47 25.95
CA TYR B 197 -9.38 -1.40 26.85
C TYR B 197 -8.80 -0.15 26.21
N GLU B 198 -8.77 -0.11 24.88
CA GLU B 198 -8.27 1.07 24.20
C GLU B 198 -9.46 2.03 24.16
N LYS B 199 -10.62 1.49 24.53
CA LYS B 199 -11.85 2.25 24.60
C LYS B 199 -12.35 2.31 26.06
N HIS B 200 -12.53 1.13 26.65
CA HIS B 200 -13.00 1.02 28.02
C HIS B 200 -11.86 1.28 29.04
N PRO B 201 -12.21 1.63 30.27
CA PRO B 201 -11.22 1.90 31.32
C PRO B 201 -10.56 0.61 31.79
N LEU B 202 -9.27 0.67 32.09
CA LEU B 202 -8.50 -0.46 32.54
C LEU B 202 -8.22 -0.34 34.04
N TYR B 203 -8.15 0.88 34.54
CA TYR B 203 -7.86 1.15 35.96
C TYR B 203 -8.09 2.63 36.33
N ARG B 204 -9.17 2.89 37.09
CA ARG B 204 -9.53 4.25 37.52
C ARG B 204 -9.86 5.07 36.28
N LYS B 205 -10.53 4.47 35.30
CA LYS B 205 -10.89 5.16 34.08
C LYS B 205 -9.63 5.48 33.26
N MET B 206 -8.54 4.77 33.53
CA MET B 206 -7.29 4.98 32.80
C MET B 206 -7.34 3.97 31.66
N LYS B 207 -7.29 4.48 30.44
CA LYS B 207 -7.38 3.64 29.23
C LYS B 207 -6.07 3.60 28.47
N LEU B 208 -5.83 2.46 27.82
CA LEU B 208 -4.62 2.30 27.03
C LEU B 208 -4.70 3.17 25.78
N ARG B 209 -4.08 4.35 25.83
CA ARG B 209 -4.12 5.28 24.72
C ARG B 209 -2.79 5.51 24.01
N TYR B 210 -1.68 5.44 24.74
CA TYR B 210 -0.38 5.70 24.13
C TYR B 210 0.64 4.55 24.11
N PRO B 211 0.55 3.67 23.09
CA PRO B 211 1.53 2.56 23.05
C PRO B 211 2.94 3.12 23.24
N ILE B 212 3.83 2.35 23.86
CA ILE B 212 5.20 2.82 24.08
C ILE B 212 6.27 1.89 23.49
N ASN B 213 7.29 2.48 22.89
CA ASN B 213 8.40 1.72 22.31
C ASN B 213 9.57 2.69 22.09
N GLU B 214 10.65 2.21 21.47
CA GLU B 214 11.83 3.05 21.23
C GLU B 214 11.47 4.31 20.44
N GLU B 215 10.79 4.14 19.31
CA GLU B 215 10.40 5.27 18.48
C GLU B 215 9.34 6.13 19.17
N ALA B 216 8.50 5.51 19.98
CA ALA B 216 7.46 6.24 20.71
C ALA B 216 8.15 7.22 21.67
N LEU B 217 9.34 6.84 22.14
CA LEU B 217 10.12 7.68 23.05
C LEU B 217 10.74 8.82 22.25
N GLU B 218 11.14 8.54 21.01
CA GLU B 218 11.73 9.56 20.17
C GLU B 218 10.69 10.66 19.87
N LYS B 219 9.44 10.42 20.27
CA LYS B 219 8.36 11.38 20.06
C LYS B 219 7.90 12.04 21.35
N ILE B 220 8.14 11.38 22.49
CA ILE B 220 7.76 11.94 23.79
C ILE B 220 8.95 11.91 24.75
N GLY B 221 9.52 10.72 24.89
CA GLY B 221 10.63 10.44 25.81
C GLY B 221 11.88 11.30 25.98
N THR B 222 12.12 11.70 27.22
CA THR B 222 13.26 12.52 27.63
C THR B 222 14.25 11.64 28.40
N ALA B 223 14.55 12.03 29.62
CA ALA B 223 15.44 11.28 30.54
C ALA B 223 14.50 10.99 31.71
N GLU B 224 14.71 9.87 32.39
CA GLU B 224 13.81 9.39 33.47
C GLU B 224 13.84 9.89 34.90
N PRO B 225 12.65 10.18 35.48
CA PRO B 225 12.53 10.65 36.87
C PRO B 225 12.72 9.43 37.78
N ASP B 226 11.82 9.27 38.75
CA ASP B 226 11.91 8.11 39.64
C ASP B 226 10.67 8.00 40.52
#